data_6T4U
#
_entry.id   6T4U
#
_cell.length_a   108.515
_cell.length_b   108.515
_cell.length_c   105.940
_cell.angle_alpha   90.000
_cell.angle_beta   90.000
_cell.angle_gamma   120.000
#
_symmetry.space_group_name_H-M   'P 61 2 2'
#
loop_
_entity.id
_entity.type
_entity.pdbx_description
1 polymer 'Nuclear receptor ROR-gamma'
2 non-polymer GLYCEROL
3 non-polymer (3alpha,8alpha)-cholest-5-ene-3,20-diol
4 non-polymer '4-{1-[2-chloro-6-(trifluoromethyl)benzoyl]-1H-indazol-3-yl}benzoic acid'
5 water water
#
_entity_poly.entity_id   1
_entity_poly.type   'polypeptide(L)'
_entity_poly.pdbx_seq_one_letter_code
;TEIEHLVQSVCKSYRETCQLRLEDLLRQRSNIFSREEVTGYQRKSMWEMWERCAHHLTEAIQYVVEFAKRLSGFMELCQN
DQIVLLKAGAMEVVLVRMCRAYNADNRTVFFEGKYGGMELFRALGCSELISSIFDFSHSLSALHFSEDEIALYTALVLIN
AHRPGLQEKRKVEQLQYNLELAFHHHLHKTHRQSILAKLPPKGKLRSLCSQHVERLQIFQHLHPIVVQAAFPPLYKELFS
;
_entity_poly.pdbx_strand_id   A
#
loop_
_chem_comp.id
_chem_comp.type
_chem_comp.name
_chem_comp.formula
4F1 non-polymer '4-{1-[2-chloro-6-(trifluoromethyl)benzoyl]-1H-indazol-3-yl}benzoic acid' 'C22 H12 Cl F3 N2 O3'
GOL non-polymer GLYCEROL 'C3 H8 O3'
HCD non-polymer (3alpha,8alpha)-cholest-5-ene-3,20-diol 'C27 H46 O2'
#
# COMPACT_ATOMS: atom_id res chain seq x y z
N THR A 1 -4.12 29.19 -3.30
CA THR A 1 -3.80 28.42 -4.50
C THR A 1 -2.65 27.46 -4.25
N GLU A 2 -1.82 27.76 -3.25
CA GLU A 2 -0.75 26.84 -2.88
C GLU A 2 -1.30 25.47 -2.51
N ILE A 3 -2.51 25.43 -1.95
CA ILE A 3 -3.14 24.16 -1.61
C ILE A 3 -3.64 23.46 -2.87
N GLU A 4 -4.24 24.20 -3.80
CA GLU A 4 -4.70 23.58 -5.03
C GLU A 4 -3.53 23.05 -5.87
N HIS A 5 -2.36 23.69 -5.78
CA HIS A 5 -1.16 23.12 -6.39
C HIS A 5 -0.72 21.85 -5.67
N LEU A 6 -0.87 21.83 -4.35
CA LEU A 6 -0.51 20.61 -3.60
C LEU A 6 -1.40 19.45 -4.03
N VAL A 7 -2.72 19.67 -4.08
CA VAL A 7 -3.63 18.63 -4.57
C VAL A 7 -3.17 18.09 -5.92
N GLN A 8 -2.89 19.00 -6.86
CA GLN A 8 -2.46 18.58 -8.20
C GLN A 8 -1.13 17.83 -8.14
N SER A 9 -0.21 18.28 -7.28
CA SER A 9 1.09 17.64 -7.19
C SER A 9 0.99 16.22 -6.62
N VAL A 10 0.10 16.01 -5.65
CA VAL A 10 -0.04 14.69 -5.07
C VAL A 10 -0.68 13.73 -6.05
N CYS A 11 -1.76 14.18 -6.73
CA CYS A 11 -2.44 13.32 -7.70
C CYS A 11 -1.55 12.99 -8.88
N LYS A 12 -0.69 13.92 -9.27
CA LYS A 12 0.27 13.64 -10.33
C LYS A 12 1.30 12.62 -9.87
N SER A 13 1.88 12.80 -8.69
CA SER A 13 2.82 11.83 -8.15
C SER A 13 2.19 10.45 -8.06
N TYR A 14 0.94 10.38 -7.61
CA TYR A 14 0.24 9.11 -7.60
C TYR A 14 0.03 8.56 -9.01
N ARG A 15 -0.40 9.41 -9.94
CA ARG A 15 -0.62 8.94 -11.30
C ARG A 15 0.64 8.32 -11.88
N GLU A 16 1.80 8.93 -11.61
CA GLU A 16 3.05 8.45 -12.15
C GLU A 16 3.56 7.18 -11.47
N THR A 17 3.04 6.82 -10.30
CA THR A 17 3.58 5.72 -9.50
C THR A 17 2.53 4.71 -9.03
N CYS A 18 1.30 4.76 -9.56
CA CYS A 18 0.24 3.87 -9.10
C CYS A 18 0.45 2.42 -9.49
N GLN A 19 1.44 2.13 -10.35
CA GLN A 19 1.88 0.80 -10.71
C GLN A 19 0.93 0.11 -11.68
N LEU A 20 -0.34 -0.06 -11.31
CA LEU A 20 -1.35 -0.69 -12.14
C LEU A 20 -2.43 0.33 -12.45
N ARG A 21 -2.87 0.39 -13.70
CA ARG A 21 -3.87 1.37 -14.09
C ARG A 21 -5.28 0.90 -13.70
N LEU A 22 -6.08 1.80 -13.13
CA LEU A 22 -7.39 1.40 -12.64
C LEU A 22 -8.27 0.85 -13.75
N GLU A 23 -8.16 1.42 -14.95
CA GLU A 23 -8.95 0.93 -16.07
C GLU A 23 -8.58 -0.49 -16.42
N ASP A 24 -7.28 -0.80 -16.46
CA ASP A 24 -6.87 -2.17 -16.72
C ASP A 24 -7.43 -3.12 -15.66
N LEU A 25 -7.37 -2.71 -14.38
CA LEU A 25 -7.82 -3.57 -13.30
C LEU A 25 -9.32 -3.80 -13.34
N LEU A 26 -10.09 -2.76 -13.68
CA LEU A 26 -11.53 -2.91 -13.75
C LEU A 26 -11.92 -3.77 -14.95
N ARG A 27 -11.26 -3.58 -16.09
CA ARG A 27 -11.60 -4.34 -17.29
C ARG A 27 -11.17 -5.80 -17.20
N GLN A 28 -10.16 -6.10 -16.38
CA GLN A 28 -9.65 -7.46 -16.22
C GLN A 28 -10.45 -8.27 -15.19
N ARG A 29 -11.57 -7.75 -14.68
CA ARG A 29 -12.28 -8.43 -13.58
C ARG A 29 -12.89 -9.75 -14.01
N SER A 30 -13.34 -9.86 -15.25
CA SER A 30 -13.90 -11.10 -15.76
C SER A 30 -12.85 -12.15 -16.10
N ASN A 31 -11.56 -11.80 -15.94
CA ASN A 31 -10.44 -12.69 -16.22
C ASN A 31 -10.02 -13.32 -14.90
N ILE A 32 -10.59 -14.49 -14.60
CA ILE A 32 -10.49 -15.11 -13.29
C ILE A 32 -9.82 -16.47 -13.44
N PHE A 33 -8.93 -16.81 -12.50
CA PHE A 33 -8.20 -18.07 -12.58
C PHE A 33 -9.16 -19.26 -12.54
N SER A 34 -8.96 -20.22 -13.43
CA SER A 34 -9.77 -21.42 -13.49
C SER A 34 -9.48 -22.32 -12.29
N ARG A 35 -10.33 -23.34 -12.14
CA ARG A 35 -10.11 -24.32 -11.07
C ARG A 35 -8.73 -24.94 -11.19
N GLU A 36 -8.32 -25.26 -12.41
CA GLU A 36 -7.04 -25.89 -12.66
C GLU A 36 -5.87 -24.96 -12.31
N GLU A 37 -5.94 -23.72 -12.77
CA GLU A 37 -4.87 -22.76 -12.48
C GLU A 37 -4.73 -22.53 -10.99
N VAL A 38 -5.86 -22.45 -10.27
CA VAL A 38 -5.81 -22.30 -8.82
C VAL A 38 -5.12 -23.49 -8.17
N THR A 39 -5.40 -24.70 -8.66
CA THR A 39 -4.73 -25.87 -8.11
C THR A 39 -3.24 -25.86 -8.43
N GLY A 40 -2.87 -25.37 -9.62
CA GLY A 40 -1.47 -25.22 -9.94
C GLY A 40 -0.72 -24.35 -8.94
N TYR A 41 -1.34 -23.25 -8.50
CA TYR A 41 -0.71 -22.40 -7.50
C TYR A 41 -0.68 -23.07 -6.13
N GLN A 42 -1.77 -23.73 -5.75
CA GLN A 42 -1.81 -24.37 -4.44
C GLN A 42 -0.79 -25.49 -4.31
N ARG A 43 -0.37 -26.09 -5.42
CA ARG A 43 0.58 -27.18 -5.40
C ARG A 43 2.04 -26.72 -5.40
N LYS A 44 2.30 -25.46 -5.74
CA LYS A 44 3.66 -24.95 -5.68
C LYS A 44 4.17 -25.01 -4.25
N SER A 45 5.48 -25.24 -4.11
CA SER A 45 6.12 -25.19 -2.80
C SER A 45 5.88 -23.84 -2.12
N MET A 46 5.84 -23.88 -0.79
CA MET A 46 5.79 -22.64 -0.02
C MET A 46 6.90 -21.70 -0.42
N TRP A 47 8.07 -22.26 -0.70
CA TRP A 47 9.24 -21.45 -0.98
C TRP A 47 9.18 -20.80 -2.35
N GLU A 48 8.51 -21.44 -3.32
CA GLU A 48 8.32 -20.78 -4.61
C GLU A 48 7.25 -19.70 -4.53
N MET A 49 6.15 -19.97 -3.81
CA MET A 49 5.14 -18.93 -3.63
C MET A 49 5.70 -17.76 -2.84
N TRP A 50 6.59 -18.04 -1.87
CA TRP A 50 7.22 -16.97 -1.12
C TRP A 50 8.04 -16.09 -2.06
N GLU A 51 8.83 -16.72 -2.94
CA GLU A 51 9.64 -15.96 -3.88
C GLU A 51 8.78 -15.10 -4.80
N ARG A 52 7.68 -15.63 -5.32
CA ARG A 52 6.80 -14.83 -6.15
C ARG A 52 6.22 -13.66 -5.37
N CYS A 53 5.67 -13.94 -4.18
CA CYS A 53 4.97 -12.90 -3.45
C CYS A 53 5.93 -11.88 -2.85
N ALA A 54 7.10 -12.34 -2.38
CA ALA A 54 8.10 -11.42 -1.86
C ALA A 54 8.50 -10.41 -2.94
N HIS A 55 8.70 -10.88 -4.17
CA HIS A 55 9.16 -9.95 -5.19
C HIS A 55 8.05 -9.02 -5.62
N HIS A 56 6.81 -9.51 -5.69
CA HIS A 56 5.73 -8.59 -5.99
C HIS A 56 5.56 -7.55 -4.90
N LEU A 57 5.73 -7.94 -3.63
CA LEU A 57 5.58 -7.00 -2.54
C LEU A 57 6.73 -5.99 -2.50
N THR A 58 7.97 -6.44 -2.70
CA THR A 58 9.06 -5.47 -2.75
C THR A 58 8.84 -4.46 -3.87
N GLU A 59 8.45 -4.95 -5.05
CA GLU A 59 8.22 -4.04 -6.17
C GLU A 59 7.09 -3.06 -5.87
N ALA A 60 6.02 -3.52 -5.21
CA ALA A 60 4.97 -2.59 -4.81
C ALA A 60 5.50 -1.53 -3.85
N ILE A 61 6.31 -1.96 -2.87
CA ILE A 61 6.91 -1.02 -1.92
C ILE A 61 7.71 0.02 -2.69
N GLN A 62 8.47 -0.42 -3.69
CA GLN A 62 9.33 0.49 -4.43
C GLN A 62 8.53 1.55 -5.17
N TYR A 63 7.31 1.21 -5.60
CA TYR A 63 6.48 2.26 -6.20
C TYR A 63 6.02 3.27 -5.17
N VAL A 64 5.79 2.82 -3.93
CA VAL A 64 5.40 3.73 -2.86
C VAL A 64 6.59 4.61 -2.46
N VAL A 65 7.79 4.05 -2.44
CA VAL A 65 8.98 4.85 -2.15
C VAL A 65 9.11 5.97 -3.19
N GLU A 66 8.85 5.64 -4.46
CA GLU A 66 8.92 6.64 -5.52
C GLU A 66 7.81 7.68 -5.37
N PHE A 67 6.59 7.22 -5.06
CA PHE A 67 5.49 8.13 -4.76
C PHE A 67 5.90 9.14 -3.69
N ALA A 68 6.50 8.66 -2.59
CA ALA A 68 6.88 9.54 -1.50
C ALA A 68 7.96 10.51 -1.93
N LYS A 69 8.92 10.03 -2.71
CA LYS A 69 10.01 10.91 -3.12
C LYS A 69 9.51 12.05 -4.01
N ARG A 70 8.32 11.93 -4.61
CA ARG A 70 7.74 13.00 -5.41
C ARG A 70 6.73 13.85 -4.64
N LEU A 71 6.48 13.57 -3.38
CA LEU A 71 5.66 14.48 -2.58
C LEU A 71 6.46 15.73 -2.24
N SER A 72 5.82 16.91 -2.37
CA SER A 72 6.51 18.16 -2.06
C SER A 72 6.98 18.15 -0.62
N GLY A 73 8.27 18.40 -0.42
CA GLY A 73 8.83 18.51 0.90
C GLY A 73 9.41 17.23 1.47
N PHE A 74 9.01 16.07 0.97
CA PHE A 74 9.51 14.83 1.54
C PHE A 74 11.03 14.76 1.44
N MET A 75 11.58 15.11 0.28
CA MET A 75 13.02 15.03 0.09
C MET A 75 13.76 16.03 0.95
N GLU A 76 13.12 17.15 1.30
CA GLU A 76 13.74 18.17 2.13
C GLU A 76 13.76 17.77 3.60
N LEU A 77 13.07 16.69 3.98
CA LEU A 77 13.22 16.14 5.31
C LEU A 77 14.56 15.45 5.44
N CYS A 78 15.07 15.39 6.66
CA CYS A 78 16.33 14.69 6.88
C CYS A 78 16.16 13.20 6.60
N GLN A 79 17.28 12.54 6.32
CA GLN A 79 17.19 11.15 5.85
C GLN A 79 16.64 10.25 6.93
N ASN A 80 17.00 10.49 8.20
CA ASN A 80 16.45 9.69 9.29
C ASN A 80 14.93 9.72 9.28
N ASP A 81 14.33 10.90 9.06
CA ASP A 81 12.88 10.99 9.07
C ASP A 81 12.26 10.39 7.81
N GLN A 82 12.96 10.47 6.67
CA GLN A 82 12.49 9.79 5.48
C GLN A 82 12.35 8.29 5.76
N ILE A 83 13.37 7.70 6.36
CA ILE A 83 13.35 6.28 6.70
C ILE A 83 12.23 5.99 7.69
N VAL A 84 12.11 6.82 8.74
CA VAL A 84 11.11 6.56 9.77
C VAL A 84 9.72 6.49 9.16
N LEU A 85 9.37 7.50 8.36
CA LEU A 85 8.04 7.55 7.74
C LEU A 85 7.82 6.38 6.78
N LEU A 86 8.82 6.05 5.95
CA LEU A 86 8.62 4.99 4.96
C LEU A 86 8.59 3.62 5.62
N LYS A 87 9.46 3.40 6.61
CA LYS A 87 9.47 2.11 7.30
C LYS A 87 8.11 1.83 7.92
N ALA A 88 7.55 2.81 8.62
CA ALA A 88 6.26 2.65 9.26
C ALA A 88 5.10 2.69 8.27
N GLY A 89 5.26 3.39 7.15
CA GLY A 89 4.12 3.73 6.32
C GLY A 89 4.03 3.09 4.96
N ALA A 90 5.16 2.71 4.36
CA ALA A 90 5.13 2.29 2.97
C ALA A 90 4.29 1.02 2.76
N MET A 91 4.38 0.06 3.70
CA MET A 91 3.56 -1.15 3.57
C MET A 91 2.11 -0.86 3.92
N GLU A 92 1.84 0.08 4.83
CA GLU A 92 0.46 0.55 4.99
C GLU A 92 -0.09 1.07 3.66
N VAL A 93 0.73 1.76 2.88
CA VAL A 93 0.22 2.29 1.60
C VAL A 93 -0.04 1.15 0.62
N VAL A 94 0.86 0.16 0.57
CA VAL A 94 0.65 -1.00 -0.30
C VAL A 94 -0.67 -1.69 0.03
N LEU A 95 -0.96 -1.85 1.33
CA LEU A 95 -2.20 -2.49 1.74
C LEU A 95 -3.41 -1.66 1.34
N VAL A 96 -3.29 -0.33 1.40
CA VAL A 96 -4.39 0.50 0.92
C VAL A 96 -4.52 0.40 -0.59
N ARG A 97 -3.39 0.46 -1.31
CA ARG A 97 -3.42 0.38 -2.77
C ARG A 97 -4.02 -0.93 -3.28
N MET A 98 -4.00 -1.97 -2.44
CA MET A 98 -4.58 -3.26 -2.80
C MET A 98 -6.06 -3.13 -3.17
N CYS A 99 -6.80 -2.22 -2.53
CA CYS A 99 -8.24 -2.22 -2.74
C CYS A 99 -8.61 -1.91 -4.19
N ARG A 100 -7.74 -1.18 -4.93
CA ARG A 100 -8.02 -0.93 -6.35
C ARG A 100 -7.96 -2.21 -7.17
N ALA A 101 -7.11 -3.14 -6.76
CA ALA A 101 -6.91 -4.39 -7.47
C ALA A 101 -7.75 -5.51 -6.90
N TYR A 102 -8.78 -5.17 -6.12
CA TYR A 102 -9.58 -6.14 -5.41
C TYR A 102 -11.03 -6.00 -5.83
N ASN A 103 -11.67 -7.12 -6.14
CA ASN A 103 -13.07 -7.17 -6.54
C ASN A 103 -13.92 -7.72 -5.40
N ALA A 104 -14.76 -6.86 -4.81
CA ALA A 104 -15.60 -7.24 -3.69
C ALA A 104 -16.70 -8.24 -4.08
N ASP A 105 -17.11 -8.29 -5.35
CA ASP A 105 -18.23 -9.13 -5.72
C ASP A 105 -17.89 -10.61 -5.56
N ASN A 106 -16.66 -11.01 -5.87
CA ASN A 106 -16.23 -12.38 -5.70
C ASN A 106 -15.05 -12.54 -4.75
N ARG A 107 -14.60 -11.45 -4.11
CA ARG A 107 -13.54 -11.49 -3.11
C ARG A 107 -12.22 -11.98 -3.72
N THR A 108 -11.89 -11.49 -4.91
CA THR A 108 -10.66 -11.88 -5.58
C THR A 108 -9.74 -10.68 -5.73
N VAL A 109 -8.46 -10.98 -5.94
CA VAL A 109 -7.46 -9.94 -6.14
C VAL A 109 -6.73 -10.22 -7.43
N PHE A 110 -6.30 -9.15 -8.10
CA PHE A 110 -5.51 -9.27 -9.31
C PHE A 110 -4.09 -9.72 -8.96
N PHE A 111 -3.69 -10.87 -9.51
CA PHE A 111 -2.42 -11.50 -9.15
C PHE A 111 -1.86 -12.18 -10.38
N GLU A 112 -0.66 -11.78 -10.81
CA GLU A 112 0.03 -12.36 -11.94
C GLU A 112 -0.89 -12.54 -13.16
N GLY A 113 -1.70 -11.53 -13.43
CA GLY A 113 -2.42 -11.45 -14.69
C GLY A 113 -3.87 -11.84 -14.63
N LYS A 114 -4.36 -12.40 -13.53
CA LYS A 114 -5.77 -12.76 -13.45
C LYS A 114 -6.24 -12.51 -12.02
N TYR A 115 -7.56 -12.57 -11.83
CA TYR A 115 -8.14 -12.47 -10.51
C TYR A 115 -8.24 -13.84 -9.86
N GLY A 116 -7.87 -13.93 -8.59
CA GLY A 116 -8.00 -15.16 -7.83
C GLY A 116 -8.30 -14.87 -6.37
N GLY A 117 -8.97 -15.81 -5.72
CA GLY A 117 -9.28 -15.69 -4.30
C GLY A 117 -8.07 -15.98 -3.42
N MET A 118 -8.27 -15.79 -2.12
CA MET A 118 -7.18 -16.00 -1.17
C MET A 118 -6.70 -17.46 -1.09
N GLU A 119 -7.52 -18.42 -1.49
CA GLU A 119 -7.04 -19.81 -1.46
C GLU A 119 -5.95 -20.07 -2.50
N LEU A 120 -5.73 -19.14 -3.43
CA LEU A 120 -4.59 -19.21 -4.33
C LEU A 120 -3.28 -19.34 -3.56
N PHE A 121 -3.23 -18.81 -2.34
CA PHE A 121 -2.01 -18.70 -1.55
C PHE A 121 -1.90 -19.79 -0.49
N ARG A 122 -2.70 -20.87 -0.60
CA ARG A 122 -2.74 -21.91 0.41
C ARG A 122 -1.35 -22.40 0.81
N ALA A 123 -0.44 -22.55 -0.16
CA ALA A 123 0.85 -23.16 0.12
C ALA A 123 1.69 -22.37 1.10
N LEU A 124 1.40 -21.08 1.30
CA LEU A 124 2.18 -20.25 2.21
C LEU A 124 1.88 -20.52 3.68
N GLY A 125 0.76 -21.17 3.98
CA GLY A 125 0.43 -21.50 5.37
C GLY A 125 0.19 -20.32 6.29
N CYS A 126 -0.36 -19.22 5.75
N CYS A 126 -0.31 -19.20 5.79
CA CYS A 126 -0.69 -17.98 6.46
CA CYS A 126 -0.73 -18.13 6.68
C CYS A 126 -2.14 -17.60 6.23
C CYS A 126 -2.11 -17.63 6.24
N SER A 127 -3.08 -18.56 6.33
CA SER A 127 -4.44 -18.26 5.89
C SER A 127 -5.09 -17.17 6.74
N GLU A 128 -4.78 -17.12 8.03
CA GLU A 128 -5.41 -16.15 8.90
C GLU A 128 -4.94 -14.73 8.55
N LEU A 129 -3.64 -14.54 8.42
CA LEU A 129 -3.11 -13.24 8.03
C LEU A 129 -3.62 -12.84 6.66
N ILE A 130 -3.53 -13.74 5.67
CA ILE A 130 -3.98 -13.39 4.33
C ILE A 130 -5.47 -13.05 4.33
N SER A 131 -6.25 -13.80 5.10
CA SER A 131 -7.67 -13.48 5.25
C SER A 131 -7.87 -12.09 5.85
N SER A 132 -7.09 -11.72 6.87
CA SER A 132 -7.15 -10.36 7.40
C SER A 132 -6.87 -9.32 6.33
N ILE A 133 -5.88 -9.57 5.47
CA ILE A 133 -5.54 -8.60 4.43
C ILE A 133 -6.69 -8.48 3.43
N PHE A 134 -7.28 -9.60 3.04
CA PHE A 134 -8.42 -9.56 2.13
C PHE A 134 -9.61 -8.86 2.77
N ASP A 135 -9.85 -9.10 4.07
CA ASP A 135 -10.94 -8.43 4.77
C ASP A 135 -10.75 -6.92 4.78
N PHE A 136 -9.51 -6.46 4.95
CA PHE A 136 -9.24 -5.02 4.98
C PHE A 136 -9.53 -4.39 3.61
N SER A 137 -9.08 -5.03 2.54
CA SER A 137 -9.42 -4.56 1.21
C SER A 137 -10.94 -4.54 1.01
N HIS A 138 -11.62 -5.59 1.48
CA HIS A 138 -13.06 -5.67 1.33
C HIS A 138 -13.75 -4.48 1.97
N SER A 139 -13.33 -4.09 3.18
CA SER A 139 -13.95 -2.94 3.82
C SER A 139 -13.59 -1.63 3.10
N LEU A 140 -12.36 -1.50 2.59
CA LEU A 140 -12.03 -0.31 1.82
C LEU A 140 -12.80 -0.25 0.51
N SER A 141 -13.20 -1.40 -0.02
CA SER A 141 -13.91 -1.45 -1.29
C SER A 141 -15.22 -0.68 -1.21
N ALA A 142 -15.88 -0.73 -0.06
CA ALA A 142 -17.17 -0.08 0.09
C ALA A 142 -17.10 1.43 -0.10
N LEU A 143 -15.92 2.03 0.04
CA LEU A 143 -15.77 3.47 -0.11
C LEU A 143 -15.72 3.90 -1.57
N HIS A 144 -15.38 3.00 -2.48
CA HIS A 144 -15.22 3.33 -3.89
C HIS A 144 -14.31 4.55 -4.06
N PHE A 145 -13.19 4.53 -3.34
CA PHE A 145 -12.14 5.53 -3.49
C PHE A 145 -11.95 5.93 -4.94
N SER A 146 -12.04 7.23 -5.21
CA SER A 146 -11.54 7.70 -6.47
C SER A 146 -10.01 7.66 -6.47
N GLU A 147 -9.44 7.79 -7.66
CA GLU A 147 -7.99 7.84 -7.80
C GLU A 147 -7.39 9.02 -7.05
N ASP A 148 -8.06 10.18 -7.05
CA ASP A 148 -7.51 11.33 -6.35
C ASP A 148 -7.66 11.15 -4.83
N GLU A 149 -8.78 10.56 -4.35
CA GLU A 149 -8.95 10.29 -2.93
C GLU A 149 -7.86 9.36 -2.42
N ILE A 150 -7.56 8.31 -3.19
CA ILE A 150 -6.54 7.38 -2.73
C ILE A 150 -5.15 8.02 -2.79
N ALA A 151 -4.90 8.89 -3.77
CA ALA A 151 -3.64 9.64 -3.79
C ALA A 151 -3.46 10.44 -2.50
N LEU A 152 -4.48 11.21 -2.11
CA LEU A 152 -4.37 12.12 -0.98
C LEU A 152 -4.36 11.37 0.34
N TYR A 153 -5.16 10.32 0.43
CA TYR A 153 -5.20 9.51 1.63
C TYR A 153 -3.88 8.80 1.88
N THR A 154 -3.31 8.19 0.83
CA THR A 154 -2.05 7.47 1.03
C THR A 154 -0.89 8.44 1.29
N ALA A 155 -0.93 9.64 0.73
CA ALA A 155 0.03 10.68 1.16
C ALA A 155 -0.05 10.90 2.66
N LEU A 156 -1.26 10.98 3.21
CA LEU A 156 -1.43 11.20 4.62
C LEU A 156 -1.03 9.97 5.44
N VAL A 157 -1.15 8.77 4.86
CA VAL A 157 -0.65 7.58 5.54
C VAL A 157 0.84 7.71 5.78
N LEU A 158 1.57 8.21 4.79
CA LEU A 158 3.02 8.36 4.92
C LEU A 158 3.38 9.55 5.81
N ILE A 159 2.77 10.71 5.57
CA ILE A 159 3.22 11.95 6.24
C ILE A 159 2.47 12.07 7.55
N ASN A 160 3.00 11.43 8.59
CA ASN A 160 2.34 11.30 9.88
C ASN A 160 3.35 11.65 10.96
N ALA A 161 3.19 12.83 11.58
CA ALA A 161 4.18 13.29 12.54
C ALA A 161 4.18 12.48 13.83
N HIS A 162 3.27 11.53 14.00
CA HIS A 162 3.19 10.78 15.23
C HIS A 162 4.06 9.53 15.23
N ARG A 163 4.69 9.20 14.10
CA ARG A 163 5.59 8.05 14.06
C ARG A 163 6.69 8.20 15.12
N PRO A 164 6.96 7.17 15.91
CA PRO A 164 8.08 7.27 16.86
C PRO A 164 9.40 7.37 16.13
N GLY A 165 10.30 8.20 16.66
CA GLY A 165 11.66 8.28 16.16
C GLY A 165 11.98 9.46 15.26
N LEU A 166 11.04 10.37 15.04
CA LEU A 166 11.31 11.49 14.17
C LEU A 166 12.27 12.47 14.85
N GLN A 167 13.22 13.00 14.08
CA GLN A 167 14.16 14.00 14.60
C GLN A 167 13.65 15.43 14.41
N GLU A 168 13.11 15.78 13.24
CA GLU A 168 12.57 17.10 12.99
C GLU A 168 11.05 17.01 12.94
N LYS A 169 10.44 16.82 14.11
CA LYS A 169 9.00 16.56 14.16
C LYS A 169 8.20 17.73 13.61
N ARG A 170 8.67 18.97 13.83
CA ARG A 170 7.94 20.15 13.36
C ARG A 170 7.86 20.18 11.84
N LYS A 171 8.95 19.83 11.16
CA LYS A 171 8.95 19.82 9.70
C LYS A 171 7.92 18.84 9.15
N VAL A 172 7.80 17.66 9.79
CA VAL A 172 6.80 16.70 9.32
C VAL A 172 5.40 17.22 9.59
N GLU A 173 5.19 17.85 10.76
CA GLU A 173 3.87 18.42 11.05
C GLU A 173 3.44 19.42 9.98
N GLN A 174 4.35 20.31 9.57
CA GLN A 174 4.00 21.28 8.54
C GLN A 174 3.51 20.61 7.27
N LEU A 175 4.24 19.60 6.79
CA LEU A 175 3.80 18.86 5.60
C LEU A 175 2.46 18.17 5.86
N GLN A 176 2.32 17.57 7.03
CA GLN A 176 1.10 16.85 7.35
C GLN A 176 -0.10 17.77 7.33
N TYR A 177 0.01 18.94 7.99
CA TYR A 177 -1.11 19.88 8.02
C TYR A 177 -1.47 20.34 6.63
N ASN A 178 -0.47 20.58 5.77
CA ASN A 178 -0.79 21.02 4.41
C ASN A 178 -1.52 19.93 3.64
N LEU A 179 -1.10 18.67 3.82
CA LEU A 179 -1.76 17.57 3.12
C LEU A 179 -3.16 17.33 3.65
N GLU A 180 -3.35 17.48 4.97
CA GLU A 180 -4.68 17.34 5.55
C GLU A 180 -5.62 18.39 4.99
N LEU A 181 -5.17 19.65 4.90
CA LEU A 181 -6.01 20.68 4.29
C LEU A 181 -6.29 20.36 2.84
N ALA A 182 -5.28 19.89 2.10
CA ALA A 182 -5.48 19.51 0.70
C ALA A 182 -6.53 18.42 0.56
N PHE A 183 -6.44 17.37 1.40
CA PHE A 183 -7.41 16.29 1.38
C PHE A 183 -8.80 16.80 1.68
N HIS A 184 -8.94 17.59 2.74
CA HIS A 184 -10.27 18.01 3.17
C HIS A 184 -10.85 19.02 2.20
N HIS A 185 -10.00 19.89 1.64
CA HIS A 185 -10.44 20.82 0.61
C HIS A 185 -10.98 20.08 -0.60
N HIS A 186 -10.26 19.05 -1.05
CA HIS A 186 -10.67 18.34 -2.27
C HIS A 186 -11.96 17.56 -2.04
N LEU A 187 -12.13 16.97 -0.84
CA LEU A 187 -13.36 16.25 -0.53
C LEU A 187 -14.55 17.18 -0.51
N HIS A 188 -14.36 18.40 -0.01
CA HIS A 188 -15.43 19.39 -0.02
C HIS A 188 -15.74 19.84 -1.44
N LYS A 189 -14.70 20.12 -2.22
CA LYS A 189 -14.90 20.53 -3.61
C LYS A 189 -15.67 19.46 -4.39
N THR A 190 -15.44 18.17 -4.09
CA THR A 190 -16.09 17.09 -4.82
C THR A 190 -17.31 16.52 -4.10
N HIS A 191 -17.76 17.14 -3.01
CA HIS A 191 -18.93 16.66 -2.26
C HIS A 191 -18.74 15.22 -1.77
N ARG A 192 -17.52 14.90 -1.33
CA ARG A 192 -17.17 13.57 -0.88
C ARG A 192 -16.72 13.53 0.59
N GLN A 193 -17.05 14.53 1.38
CA GLN A 193 -16.68 14.51 2.80
C GLN A 193 -17.29 13.32 3.55
N SER A 194 -18.28 12.64 2.97
CA SER A 194 -18.89 11.49 3.62
C SER A 194 -17.92 10.33 3.83
N ILE A 195 -16.84 10.24 3.04
CA ILE A 195 -15.91 9.14 3.25
C ILE A 195 -15.09 9.32 4.54
N LEU A 196 -15.02 10.53 5.09
CA LEU A 196 -14.19 10.76 6.28
C LEU A 196 -14.63 9.84 7.43
N ALA A 197 -15.93 9.83 7.74
CA ALA A 197 -16.41 8.96 8.81
C ALA A 197 -16.29 7.49 8.50
N LYS A 198 -15.88 7.12 7.28
CA LYS A 198 -15.79 5.71 6.89
C LYS A 198 -14.36 5.24 6.73
N LEU A 199 -13.37 6.10 6.85
CA LEU A 199 -12.00 5.64 6.72
C LEU A 199 -11.70 4.67 7.86
N PRO A 200 -10.77 3.74 7.68
CA PRO A 200 -10.50 2.77 8.73
C PRO A 200 -9.89 3.44 9.95
N PRO A 201 -10.14 2.91 11.15
CA PRO A 201 -9.44 3.43 12.33
C PRO A 201 -7.94 3.27 12.17
N LYS A 202 -7.20 4.31 12.55
CA LYS A 202 -5.77 4.36 12.27
C LYS A 202 -5.06 3.16 12.89
N GLY A 203 -5.45 2.78 14.11
CA GLY A 203 -4.90 1.60 14.75
C GLY A 203 -5.14 0.31 13.98
N LYS A 204 -6.18 0.26 13.14
CA LYS A 204 -6.45 -0.97 12.39
C LYS A 204 -5.39 -1.21 11.33
N LEU A 205 -5.09 -0.18 10.55
CA LEU A 205 -4.10 -0.31 9.48
C LEU A 205 -2.71 -0.59 10.05
N ARG A 206 -2.36 0.09 11.14
CA ARG A 206 -1.05 -0.12 11.77
C ARG A 206 -0.93 -1.53 12.32
N SER A 207 -1.99 -2.00 12.99
CA SER A 207 -1.99 -3.35 13.53
C SER A 207 -1.84 -4.39 12.43
N LEU A 208 -2.70 -4.33 11.41
CA LEU A 208 -2.61 -5.28 10.30
C LEU A 208 -1.23 -5.24 9.65
N CYS A 209 -0.73 -4.04 9.40
CA CYS A 209 0.56 -3.90 8.74
C CYS A 209 1.69 -4.49 9.56
N SER A 210 1.70 -4.27 10.88
CA SER A 210 2.73 -4.89 11.70
C SER A 210 2.67 -6.41 11.62
N GLN A 211 1.47 -6.99 11.67
CA GLN A 211 1.36 -8.44 11.53
C GLN A 211 1.86 -8.91 10.16
N HIS A 212 1.53 -8.14 9.10
CA HIS A 212 1.99 -8.50 7.77
C HIS A 212 3.51 -8.49 7.69
N VAL A 213 4.11 -7.36 8.07
CA VAL A 213 5.55 -7.22 7.99
C VAL A 213 6.24 -8.25 8.88
N GLU A 214 5.64 -8.56 10.05
CA GLU A 214 6.21 -9.60 10.92
C GLU A 214 6.35 -10.91 10.18
N ARG A 215 5.28 -11.37 9.52
CA ARG A 215 5.34 -12.61 8.75
C ARG A 215 6.36 -12.51 7.63
N LEU A 216 6.43 -11.34 6.97
CA LEU A 216 7.39 -11.16 5.88
C LEU A 216 8.81 -11.28 6.39
N GLN A 217 9.08 -10.73 7.57
CA GLN A 217 10.43 -10.83 8.13
C GLN A 217 10.76 -12.25 8.54
N ILE A 218 9.74 -13.06 8.90
CA ILE A 218 9.99 -14.45 9.25
C ILE A 218 10.34 -15.26 8.00
N PHE A 219 9.56 -15.10 6.93
CA PHE A 219 9.92 -15.72 5.64
C PHE A 219 11.30 -15.26 5.18
N GLN A 220 11.53 -13.95 5.16
CA GLN A 220 12.82 -13.41 4.76
C GLN A 220 13.96 -14.02 5.58
N HIS A 221 13.73 -14.30 6.86
CA HIS A 221 14.75 -14.94 7.68
C HIS A 221 14.97 -16.39 7.26
N LEU A 222 13.91 -17.12 6.92
CA LEU A 222 14.04 -18.52 6.50
C LEU A 222 14.50 -18.65 5.06
N HIS A 223 14.20 -17.68 4.21
CA HIS A 223 14.38 -17.85 2.77
C HIS A 223 14.60 -16.47 2.17
N PRO A 224 15.80 -15.91 2.34
CA PRO A 224 16.02 -14.50 2.00
C PRO A 224 16.06 -14.28 0.49
N ILE A 225 15.21 -13.36 0.02
CA ILE A 225 15.35 -12.82 -1.33
C ILE A 225 16.27 -11.61 -1.22
N VAL A 226 16.77 -11.12 -2.34
CA VAL A 226 17.51 -9.87 -2.39
C VAL A 226 17.00 -9.07 -3.58
N VAL A 227 16.93 -7.74 -3.42
CA VAL A 227 16.57 -6.88 -4.53
C VAL A 227 17.56 -5.73 -4.58
N GLN A 228 17.66 -5.12 -5.76
CA GLN A 228 18.41 -3.88 -5.89
C GLN A 228 17.63 -2.79 -5.18
N ALA A 229 18.20 -2.27 -4.11
CA ALA A 229 17.47 -1.34 -3.25
C ALA A 229 17.17 -0.04 -3.98
N ALA A 230 15.93 0.41 -3.92
CA ALA A 230 15.61 1.76 -4.37
C ALA A 230 16.11 2.80 -3.38
N PHE A 231 15.85 2.59 -2.09
CA PHE A 231 16.24 3.50 -1.00
C PHE A 231 17.14 2.74 -0.03
N PRO A 232 18.43 2.62 -0.32
CA PRO A 232 19.30 1.68 0.43
C PRO A 232 19.27 1.87 1.93
N PRO A 233 19.30 3.12 2.46
CA PRO A 233 19.18 3.25 3.93
C PRO A 233 17.93 2.59 4.50
N LEU A 234 16.80 2.73 3.81
CA LEU A 234 15.57 2.05 4.22
C LEU A 234 15.67 0.54 4.02
N TYR A 235 16.22 0.12 2.87
CA TYR A 235 16.40 -1.31 2.60
C TYR A 235 17.29 -1.97 3.64
N LYS A 236 18.46 -1.40 3.88
CA LYS A 236 19.43 -1.98 4.81
C LYS A 236 18.92 -2.02 6.25
N GLU A 237 17.79 -1.36 6.53
CA GLU A 237 17.19 -1.51 7.84
C GLU A 237 16.41 -2.82 7.94
N LEU A 238 15.61 -3.12 6.91
CA LEU A 238 14.72 -4.28 6.94
C LEU A 238 15.37 -5.56 6.42
N PHE A 239 16.26 -5.48 5.43
CA PHE A 239 16.88 -6.66 4.85
C PHE A 239 18.26 -6.95 5.40
N SER A 240 18.87 -5.99 6.07
CA SER A 240 20.18 -6.16 6.68
C SER A 240 20.06 -5.72 8.14
C1 GOL B . 0.39 -7.99 -8.48
O1 GOL B . -0.88 -8.44 -8.78
C2 GOL B . 0.94 -7.43 -9.79
O2 GOL B . 2.26 -7.03 -9.65
C3 GOL B . 0.80 -8.60 -10.75
O3 GOL B . 1.17 -9.70 -10.00
C1 HCD C . -1.20 -4.43 -3.88
O1 HCD C . -0.23 -1.98 -6.59
C2 HCD C . -1.34 -3.24 -4.85
O2 HCD C . -2.22 -12.33 -1.21
C3 HCD C . -0.11 -3.12 -5.70
C4 HCD C . 0.10 -4.40 -6.49
C5 HCD C . 0.19 -5.61 -5.58
C6 HCD C . 1.22 -6.44 -5.61
C7 HCD C . 1.34 -7.72 -4.84
C8 HCD C . 0.04 -8.10 -4.14
C9 HCD C . -0.59 -6.84 -3.51
C10 HCD C . -0.97 -5.79 -4.59
C11 HCD C . -1.76 -7.18 -2.57
C12 HCD C . -1.43 -8.28 -1.56
C13 HCD C . -0.98 -9.56 -2.27
C14 HCD C . 0.27 -9.18 -3.08
C15 HCD C . 0.89 -10.51 -3.51
C16 HCD C . 0.44 -11.51 -2.43
C17 HCD C . -0.39 -10.72 -1.39
C18 HCD C . -2.10 -10.10 -3.18
C19 HCD C . -2.20 -6.18 -5.40
C20 HCD C . -1.25 -11.60 -0.47
C21 HCD C . -2.01 -10.79 0.57
C22 HCD C . -0.40 -12.68 0.23
C23 HCD C . 0.64 -12.25 1.23
C24 HCD C . 1.88 -13.10 1.18
C25 HCD C . 2.48 -13.52 2.52
C26 HCD C . 4.00 -13.63 2.43
C27 HCD C . 2.06 -12.62 3.67
N1 4F1 D . 9.37 -4.59 3.34
C4 4F1 D . 12.39 -2.41 -0.87
C5 4F1 D . 11.51 -2.97 0.03
C6 4F1 D . 11.38 -2.43 1.31
C7 4F1 D . 10.45 -3.01 2.29
C8 4F1 D . 8.98 -5.90 3.66
C10 4F1 D . 9.03 -7.26 1.59
C13 4F1 D . 10.85 -9.05 2.68
C15 4F1 D . 10.97 -7.81 4.82
C17 4F1 D . 8.00 -3.13 4.91
C20 4F1 D . 9.37 -1.04 3.55
C21 4F1 D . 9.61 -2.38 3.22
O2 4F1 D . 8.23 -6.08 4.59
C9 4F1 D . 9.50 -7.06 2.88
C14 4F1 D . 10.43 -7.96 3.44
F2 4F1 D . 11.21 -6.53 5.16
F1 4F1 D . 10.15 -8.28 5.76
F 4F1 D . 12.13 -8.43 5.00
C12 4F1 D . 10.36 -9.23 1.40
C11 4F1 D . 9.45 -8.36 0.85
CL 4F1 D . 7.89 -6.17 0.87
N 4F1 D . 10.30 -4.33 2.35
C16 4F1 D . 8.92 -3.40 3.90
C19 4F1 D . 8.46 -0.77 4.56
C18 4F1 D . 7.78 -1.80 5.21
C3 4F1 D . 12.16 -1.33 1.66
C2 4F1 D . 13.03 -0.78 0.76
C1 4F1 D . 13.16 -1.32 -0.51
C 4F1 D . 14.10 -0.68 -1.47
O 4F1 D . 14.06 -1.03 -2.66
O1 4F1 D . 14.86 0.21 -1.04
#